data_3HTJ
#
_entry.id   3HTJ
#
_cell.length_a   103.394
_cell.length_b   103.394
_cell.length_c   133.028
_cell.angle_alpha   90.00
_cell.angle_beta   90.00
_cell.angle_gamma   120.00
#
_symmetry.space_group_name_H-M   'H 3'
#
loop_
_entity.id
_entity.type
_entity.pdbx_description
1 polymer 'EbrA repressor'
2 non-polymer 'NICKEL (II) ION'
3 non-polymer ETHIDIUM
4 water water
#
_entity_poly.entity_id   1
_entity_poly.type   'polypeptide(L)'
_entity_poly.pdbx_seq_one_letter_code
;MGSSHHHHHHSSGLVPRGSHMPRRHDPERRQRIIDAAIRVVGQKGIAGLSHRTVAAEADVPLGSTTYHFATLDDLMVAAL
RQANEGFARVVAAHPALSDPEADLSGELARVLGEWLGGDRTGVELEYELYLAALRRPALRPVAAEWAEGVGALLAARTDP
TTARALVAVLDGICLQVLLTDTPYDEEYAREVLTRLIPVPATRDGRGPGSHPPATAG
;
_entity_poly.pdbx_strand_id   A,B
#
# COMPACT_ATOMS: atom_id res chain seq x y z
N HIS A 25 22.44 21.71 18.11
CA HIS A 25 22.95 21.06 16.88
C HIS A 25 22.22 21.57 15.63
N ASP A 26 21.99 22.88 15.56
CA ASP A 26 21.25 23.52 14.47
C ASP A 26 19.82 22.95 14.34
N PRO A 27 19.15 22.69 15.48
CA PRO A 27 17.78 22.14 15.55
C PRO A 27 16.58 22.83 14.87
N GLU A 28 16.46 24.16 14.96
CA GLU A 28 15.32 24.86 14.36
C GLU A 28 15.30 24.85 12.83
N ARG A 29 16.48 24.96 12.23
CA ARG A 29 16.59 24.94 10.79
C ARG A 29 16.14 23.55 10.38
N ARG A 30 16.58 22.55 11.15
CA ARG A 30 16.25 21.15 10.93
C ARG A 30 14.76 20.89 11.16
N GLN A 31 14.13 21.66 12.03
CA GLN A 31 12.70 21.43 12.23
C GLN A 31 11.94 21.86 10.99
N ARG A 32 12.25 23.07 10.50
CA ARG A 32 11.61 23.59 9.31
C ARG A 32 12.02 22.85 8.03
N ILE A 33 13.05 22.02 8.12
CA ILE A 33 13.48 21.23 6.96
C ILE A 33 12.47 20.07 6.87
N ILE A 34 12.22 19.42 8.00
CA ILE A 34 11.26 18.31 8.04
C ILE A 34 9.82 18.82 7.87
N ASP A 35 9.58 20.09 8.24
CA ASP A 35 8.26 20.67 8.07
C ASP A 35 7.94 20.92 6.61
N ALA A 36 8.97 21.26 5.83
CA ALA A 36 8.78 21.54 4.42
C ALA A 36 8.68 20.26 3.60
N ALA A 37 9.41 19.24 4.03
CA ALA A 37 9.43 17.95 3.34
C ALA A 37 8.04 17.36 3.32
N ILE A 38 7.27 17.60 4.37
CA ILE A 38 5.91 17.11 4.49
C ILE A 38 5.02 17.95 3.57
N ARG A 39 5.20 19.27 3.62
CA ARG A 39 4.44 20.18 2.76
C ARG A 39 4.64 19.78 1.30
N VAL A 40 5.90 19.57 0.94
CA VAL A 40 6.28 19.19 -0.42
C VAL A 40 5.58 17.91 -0.84
N VAL A 41 5.69 16.89 0.00
CA VAL A 41 5.08 15.58 -0.28
C VAL A 41 3.54 15.65 -0.32
N GLY A 42 2.98 16.60 0.41
CA GLY A 42 1.54 16.72 0.47
C GLY A 42 0.88 17.35 -0.75
N GLN A 43 1.58 18.27 -1.40
CA GLN A 43 1.04 18.95 -2.58
C GLN A 43 1.77 18.53 -3.86
N LYS A 44 2.92 17.87 -3.72
CA LYS A 44 3.66 17.41 -4.87
C LYS A 44 4.06 15.93 -4.78
N GLY A 45 3.77 15.31 -3.64
CA GLY A 45 4.12 13.92 -3.45
C GLY A 45 5.63 13.68 -3.38
N ILE A 46 6.03 12.41 -3.46
CA ILE A 46 7.46 12.09 -3.42
C ILE A 46 8.13 12.42 -4.75
N ALA A 47 7.38 12.26 -5.84
CA ALA A 47 7.86 12.56 -7.18
C ALA A 47 8.61 13.89 -7.19
N GLY A 48 8.03 14.90 -6.54
CA GLY A 48 8.64 16.21 -6.49
C GLY A 48 9.22 16.55 -5.13
N LEU A 49 9.94 15.59 -4.56
CA LEU A 49 10.56 15.78 -3.27
C LEU A 49 12.06 15.53 -3.44
N SER A 50 12.85 16.53 -3.04
CA SER A 50 14.30 16.47 -3.12
C SER A 50 14.90 17.70 -2.39
N HIS A 51 16.21 17.69 -2.15
CA HIS A 51 16.84 18.80 -1.46
C HIS A 51 16.55 20.19 -2.02
N ARG A 52 16.63 20.35 -3.33
CA ARG A 52 16.32 21.62 -3.96
C ARG A 52 14.87 21.98 -3.57
N THR A 53 13.96 21.04 -3.83
CA THR A 53 12.56 21.24 -3.54
C THR A 53 12.24 21.62 -2.08
N VAL A 54 12.81 20.89 -1.13
CA VAL A 54 12.60 21.18 0.29
C VAL A 54 13.31 22.46 0.74
N ALA A 55 14.56 22.64 0.30
CA ALA A 55 15.37 23.81 0.63
C ALA A 55 14.68 25.09 0.17
N ALA A 56 14.05 25.02 -0.99
CA ALA A 56 13.33 26.15 -1.53
C ALA A 56 12.09 26.40 -0.69
N GLU A 57 11.50 25.34 -0.15
CA GLU A 57 10.28 25.43 0.69
C GLU A 57 10.54 26.00 2.09
N ALA A 58 11.43 25.34 2.82
CA ALA A 58 11.79 25.75 4.17
C ALA A 58 12.47 27.12 4.14
N ASP A 59 12.97 27.46 2.95
CA ASP A 59 13.69 28.71 2.72
C ASP A 59 15.07 28.68 3.40
N VAL A 60 15.60 27.47 3.59
CA VAL A 60 16.93 27.31 4.18
C VAL A 60 17.85 27.29 2.95
N PRO A 61 19.19 27.31 3.15
CA PRO A 61 20.13 27.29 2.02
C PRO A 61 19.95 26.09 1.11
N LEU A 62 20.53 24.95 1.51
CA LEU A 62 20.46 23.69 0.75
C LEU A 62 21.49 22.73 1.32
N GLY A 63 22.71 23.23 1.51
CA GLY A 63 23.75 22.41 2.07
C GLY A 63 23.34 22.21 3.51
N SER A 64 22.33 22.98 3.91
CA SER A 64 21.76 22.91 5.25
C SER A 64 20.81 21.71 5.23
N THR A 65 20.04 21.59 4.14
CA THR A 65 19.10 20.48 3.99
C THR A 65 19.87 19.17 3.83
N THR A 66 21.01 19.22 3.15
CA THR A 66 21.83 18.01 2.97
C THR A 66 22.65 17.79 4.22
N TYR A 67 22.93 18.87 4.95
CA TYR A 67 23.71 18.81 6.18
C TYR A 67 23.02 17.96 7.23
N HIS A 68 21.70 18.12 7.36
CA HIS A 68 20.92 17.38 8.35
C HIS A 68 20.47 16.00 7.85
N PHE A 69 20.16 15.89 6.56
CA PHE A 69 19.74 14.60 6.01
C PHE A 69 20.59 14.23 4.79
N ALA A 70 21.63 13.43 5.07
CA ALA A 70 22.58 12.96 4.07
C ALA A 70 21.83 12.48 2.86
N THR A 71 20.98 11.49 3.07
CA THR A 71 20.19 10.92 1.99
C THR A 71 18.75 11.40 2.01
N LEU A 72 18.06 11.23 0.89
CA LEU A 72 16.66 11.61 0.79
C LEU A 72 15.93 10.65 1.73
N ASP A 73 16.29 9.36 1.67
CA ASP A 73 15.72 8.34 2.54
C ASP A 73 15.69 8.81 3.97
N ASP A 74 16.69 9.62 4.32
CA ASP A 74 16.79 10.15 5.67
C ASP A 74 15.67 11.11 5.99
N LEU A 75 15.44 12.08 5.10
CA LEU A 75 14.39 13.06 5.33
C LEU A 75 13.02 12.38 5.29
N MET A 76 12.83 11.46 4.34
CA MET A 76 11.56 10.73 4.24
C MET A 76 11.31 10.02 5.56
N VAL A 77 12.30 9.25 6.02
CA VAL A 77 12.16 8.54 7.29
C VAL A 77 11.66 9.51 8.34
N ALA A 78 12.26 10.70 8.32
CA ALA A 78 11.95 11.75 9.28
C ALA A 78 10.55 12.29 9.12
N ALA A 79 10.22 12.76 7.92
CA ALA A 79 8.89 13.32 7.67
C ALA A 79 7.82 12.36 8.15
N LEU A 80 7.93 11.10 7.75
CA LEU A 80 6.97 10.07 8.11
C LEU A 80 6.75 9.93 9.62
N ARG A 81 7.83 9.69 10.35
CA ARG A 81 7.75 9.51 11.79
C ARG A 81 7.13 10.66 12.55
N GLN A 82 7.19 11.86 11.98
CA GLN A 82 6.62 13.04 12.63
C GLN A 82 5.09 13.12 12.40
N ALA A 83 4.65 12.80 11.20
CA ALA A 83 3.23 12.86 10.93
C ALA A 83 2.54 11.70 11.65
N ASN A 84 3.14 10.52 11.55
CA ASN A 84 2.59 9.30 12.15
C ASN A 84 2.50 9.31 13.68
N GLU A 85 2.97 10.39 14.30
CA GLU A 85 2.90 10.47 15.76
C GLU A 85 1.55 11.05 16.17
N GLY A 86 0.77 11.43 15.15
CA GLY A 86 -0.56 11.96 15.34
C GLY A 86 -1.53 10.82 15.60
N PHE A 87 -1.15 9.62 15.19
CA PHE A 87 -1.98 8.42 15.41
C PHE A 87 -2.03 8.16 16.93
N ALA A 88 -0.89 8.29 17.58
CA ALA A 88 -0.86 8.10 19.03
C ALA A 88 -1.61 9.27 19.73
N ARG A 89 -1.75 10.38 19.01
CA ARG A 89 -2.41 11.55 19.55
C ARG A 89 -3.93 11.41 19.50
N VAL A 90 -4.44 10.57 18.60
CA VAL A 90 -5.90 10.37 18.51
C VAL A 90 -6.34 9.22 19.44
N VAL A 91 -5.57 8.13 19.47
CA VAL A 91 -5.84 6.95 20.30
C VAL A 91 -5.95 7.37 21.75
N ALA A 92 -5.35 8.51 22.06
CA ALA A 92 -5.38 9.07 23.41
C ALA A 92 -6.67 9.89 23.51
N ALA A 93 -6.98 10.61 22.44
CA ALA A 93 -8.16 11.46 22.34
C ALA A 93 -9.51 10.72 22.35
N HIS A 94 -9.47 9.41 22.52
CA HIS A 94 -10.67 8.58 22.58
C HIS A 94 -10.45 7.43 23.53
N PRO A 95 -10.54 7.71 24.83
CA PRO A 95 -10.34 6.66 25.82
C PRO A 95 -11.30 5.50 25.62
N ALA A 96 -12.47 5.80 25.06
CA ALA A 96 -13.50 4.78 24.82
C ALA A 96 -12.93 3.55 24.11
N LEU A 97 -11.76 3.71 23.50
CA LEU A 97 -11.07 2.60 22.82
C LEU A 97 -10.62 1.55 23.84
N SER A 98 -10.51 1.95 25.10
CA SER A 98 -10.07 1.05 26.17
C SER A 98 -11.22 0.51 27.00
N ASP A 99 -12.34 1.22 27.02
CA ASP A 99 -13.48 0.74 27.79
C ASP A 99 -13.72 -0.71 27.38
N PRO A 100 -13.46 -1.67 28.29
CA PRO A 100 -13.63 -3.10 28.03
C PRO A 100 -15.07 -3.53 27.71
N GLU A 101 -15.97 -2.55 27.67
CA GLU A 101 -17.37 -2.82 27.39
C GLU A 101 -17.63 -2.34 25.98
N ALA A 102 -17.10 -1.16 25.70
CA ALA A 102 -17.23 -0.52 24.40
C ALA A 102 -16.92 -1.47 23.23
N ASP A 103 -17.62 -1.22 22.13
CA ASP A 103 -17.45 -2.00 20.93
C ASP A 103 -16.31 -1.44 20.11
N LEU A 104 -15.14 -2.07 20.26
CA LEU A 104 -13.93 -1.69 19.57
C LEU A 104 -14.08 -1.51 18.06
N SER A 105 -14.71 -2.48 17.41
CA SER A 105 -14.89 -2.40 15.95
C SER A 105 -15.57 -1.09 15.53
N GLY A 106 -16.61 -0.72 16.26
CA GLY A 106 -17.35 0.50 15.94
C GLY A 106 -16.53 1.73 16.18
N GLU A 107 -15.84 1.78 17.31
CA GLU A 107 -15.00 2.91 17.69
C GLU A 107 -13.83 3.06 16.71
N LEU A 108 -13.27 1.92 16.37
CA LEU A 108 -12.15 1.86 15.44
C LEU A 108 -12.56 2.37 14.07
N ALA A 109 -13.76 1.98 13.64
CA ALA A 109 -14.30 2.38 12.34
C ALA A 109 -14.72 3.85 12.25
N ARG A 110 -15.13 4.41 13.39
CA ARG A 110 -15.57 5.80 13.49
C ARG A 110 -14.36 6.75 13.44
N VAL A 111 -13.41 6.56 14.34
CA VAL A 111 -12.23 7.40 14.37
C VAL A 111 -11.51 7.34 13.04
N LEU A 112 -11.65 6.23 12.31
CA LEU A 112 -11.02 6.08 11.00
C LEU A 112 -11.75 6.96 9.99
N GLY A 113 -13.08 6.90 10.04
CA GLY A 113 -13.88 7.71 9.15
C GLY A 113 -13.61 9.18 9.43
N GLU A 114 -13.02 9.46 10.59
CA GLU A 114 -12.69 10.85 10.98
C GLU A 114 -11.39 11.30 10.34
N TRP A 115 -10.41 10.40 10.35
CA TRP A 115 -9.11 10.66 9.78
C TRP A 115 -9.30 10.98 8.30
N LEU A 116 -10.30 10.34 7.70
CA LEU A 116 -10.65 10.56 6.29
C LEU A 116 -11.74 11.64 6.21
N GLY A 117 -11.36 12.90 6.51
CA GLY A 117 -12.34 13.99 6.50
C GLY A 117 -12.39 14.90 5.28
N GLY A 118 -11.92 14.44 4.13
CA GLY A 118 -11.98 15.28 2.94
C GLY A 118 -10.61 15.74 2.48
N ASP A 119 -10.37 15.65 1.16
CA ASP A 119 -9.09 16.03 0.56
C ASP A 119 -8.01 15.56 1.54
N ARG A 120 -7.87 14.23 1.64
CA ARG A 120 -6.91 13.65 2.56
C ARG A 120 -5.47 14.05 2.28
N THR A 121 -5.09 15.26 2.67
CA THR A 121 -3.73 15.69 2.45
C THR A 121 -2.92 15.02 3.54
N GLY A 122 -3.47 14.95 4.73
CA GLY A 122 -2.76 14.31 5.82
C GLY A 122 -2.48 12.87 5.48
N VAL A 123 -3.56 12.13 5.22
CA VAL A 123 -3.52 10.71 4.91
C VAL A 123 -2.66 10.33 3.69
N GLU A 124 -2.98 10.92 2.54
CA GLU A 124 -2.27 10.61 1.29
C GLU A 124 -0.74 10.70 1.33
N LEU A 125 -0.20 11.71 2.00
CA LEU A 125 1.24 11.87 2.07
C LEU A 125 1.88 10.91 3.06
N GLU A 126 1.20 10.63 4.17
CA GLU A 126 1.73 9.70 5.18
C GLU A 126 1.86 8.29 4.59
N TYR A 127 0.76 7.80 4.04
CA TYR A 127 0.72 6.48 3.42
C TYR A 127 1.74 6.34 2.31
N GLU A 128 1.92 7.40 1.52
CA GLU A 128 2.86 7.39 0.42
C GLU A 128 4.29 7.19 0.95
N LEU A 129 4.52 7.69 2.16
CA LEU A 129 5.81 7.55 2.86
C LEU A 129 5.84 6.11 3.39
N TYR A 130 4.74 5.71 4.01
CA TYR A 130 4.56 4.37 4.56
C TYR A 130 4.83 3.28 3.50
N LEU A 131 4.24 3.46 2.32
CA LEU A 131 4.35 2.54 1.20
C LEU A 131 5.65 2.65 0.39
N ALA A 132 6.39 3.74 0.56
CA ALA A 132 7.64 3.93 -0.18
C ALA A 132 8.66 2.87 0.22
N ALA A 133 8.51 2.34 1.42
CA ALA A 133 9.41 1.32 1.94
C ALA A 133 9.41 0.08 1.05
N LEU A 134 8.33 -0.14 0.32
CA LEU A 134 8.23 -1.29 -0.55
C LEU A 134 9.54 -1.56 -1.31
N ARG A 135 10.17 -0.48 -1.76
CA ARG A 135 11.41 -0.56 -2.53
C ARG A 135 12.61 0.16 -1.89
N ARG A 136 12.41 0.68 -0.68
CA ARG A 136 13.45 1.39 0.04
C ARG A 136 13.67 0.76 1.42
N PRO A 137 14.67 -0.13 1.55
CA PRO A 137 15.02 -0.82 2.80
C PRO A 137 15.14 0.11 4.04
N ALA A 138 15.72 1.29 3.85
CA ALA A 138 15.91 2.28 4.93
C ALA A 138 14.62 2.77 5.56
N LEU A 139 13.52 2.73 4.81
CA LEU A 139 12.24 3.19 5.32
C LEU A 139 11.44 2.07 5.98
N ARG A 140 12.01 0.86 6.01
CA ARG A 140 11.34 -0.28 6.63
C ARG A 140 11.19 -0.18 8.16
N PRO A 141 12.09 0.55 8.85
CA PRO A 141 12.02 0.72 10.30
C PRO A 141 10.79 1.53 10.76
N VAL A 142 10.57 2.70 10.14
CA VAL A 142 9.41 3.54 10.48
C VAL A 142 8.13 2.84 9.99
N ALA A 143 8.27 2.11 8.88
CA ALA A 143 7.17 1.35 8.29
C ALA A 143 6.71 0.29 9.29
N ALA A 144 7.57 -0.02 10.25
CA ALA A 144 7.23 -1.01 11.25
C ALA A 144 6.53 -0.34 12.42
N GLU A 145 6.54 0.99 12.46
CA GLU A 145 5.91 1.77 13.55
C GLU A 145 4.60 2.41 13.16
N TRP A 146 4.13 2.15 11.95
CA TRP A 146 2.88 2.70 11.45
C TRP A 146 1.71 2.59 12.42
N ALA A 147 1.47 1.41 12.99
CA ALA A 147 0.37 1.22 13.91
C ALA A 147 0.81 1.05 15.38
N GLU A 148 1.93 1.69 15.72
CA GLU A 148 2.48 1.64 17.08
C GLU A 148 1.60 2.32 18.12
N GLY A 149 0.96 3.42 17.73
CA GLY A 149 0.08 4.15 18.62
C GLY A 149 -0.95 3.26 19.32
N VAL A 150 -1.69 2.44 18.58
CA VAL A 150 -2.70 1.53 19.15
C VAL A 150 -2.16 0.20 19.64
N GLY A 151 -0.85 0.03 19.62
CA GLY A 151 -0.24 -1.21 20.03
C GLY A 151 -0.58 -1.76 21.40
N ALA A 152 -0.33 -0.99 22.45
CA ALA A 152 -0.60 -1.41 23.84
C ALA A 152 -2.08 -1.58 24.03
N LEU A 153 -2.85 -0.77 23.30
CA LEU A 153 -4.30 -0.79 23.35
C LEU A 153 -4.89 -2.04 22.70
N LEU A 154 -4.25 -2.58 21.65
CA LEU A 154 -4.74 -3.81 20.99
C LEU A 154 -4.25 -5.11 21.66
N ALA A 155 -3.09 -5.03 22.31
CA ALA A 155 -2.50 -6.16 23.03
C ALA A 155 -3.33 -6.41 24.28
N ALA A 156 -3.65 -5.34 24.98
CA ALA A 156 -4.45 -5.41 26.21
C ALA A 156 -5.95 -5.61 25.99
N ARG A 157 -6.46 -5.31 24.80
CA ARG A 157 -7.90 -5.47 24.57
C ARG A 157 -8.33 -6.60 23.61
N THR A 158 -7.36 -7.39 23.13
CA THR A 158 -7.65 -8.50 22.24
C THR A 158 -6.45 -9.44 22.38
N ASP A 159 -6.01 -10.15 21.34
CA ASP A 159 -4.83 -11.02 21.44
C ASP A 159 -3.86 -10.65 20.33
N PRO A 160 -2.58 -11.04 20.47
CA PRO A 160 -1.56 -10.72 19.45
C PRO A 160 -1.90 -11.07 18.03
N THR A 161 -2.63 -12.16 17.83
CA THR A 161 -3.00 -12.57 16.50
C THR A 161 -4.20 -11.76 16.02
N THR A 162 -5.21 -11.60 16.87
CA THR A 162 -6.36 -10.79 16.42
C THR A 162 -5.81 -9.40 16.16
N ALA A 163 -4.85 -9.00 16.99
CA ALA A 163 -4.18 -7.70 16.93
C ALA A 163 -3.60 -7.33 15.57
N ARG A 164 -2.83 -8.24 14.97
CA ARG A 164 -2.23 -7.97 13.67
C ARG A 164 -3.26 -7.77 12.56
N ALA A 165 -4.29 -8.62 12.54
CA ALA A 165 -5.32 -8.57 11.51
C ALA A 165 -6.09 -7.25 11.49
N LEU A 166 -6.33 -6.68 12.66
CA LEU A 166 -7.05 -5.41 12.74
C LEU A 166 -6.30 -4.39 11.92
N VAL A 167 -4.98 -4.41 12.06
CA VAL A 167 -4.13 -3.51 11.33
C VAL A 167 -4.19 -3.90 9.86
N ALA A 168 -3.85 -5.15 9.56
CA ALA A 168 -3.87 -5.62 8.18
C ALA A 168 -5.16 -5.23 7.44
N VAL A 169 -6.32 -5.43 8.07
CA VAL A 169 -7.58 -5.08 7.46
C VAL A 169 -7.81 -3.55 7.44
N LEU A 170 -7.26 -2.84 8.42
CA LEU A 170 -7.39 -1.39 8.44
C LEU A 170 -6.62 -0.79 7.25
N ASP A 171 -5.40 -1.27 7.00
CA ASP A 171 -4.60 -0.79 5.88
C ASP A 171 -5.26 -1.19 4.57
N GLY A 172 -5.86 -2.38 4.56
CA GLY A 172 -6.52 -2.88 3.35
C GLY A 172 -7.71 -2.01 3.04
N ILE A 173 -8.57 -1.80 4.04
CA ILE A 173 -9.76 -0.98 3.87
C ILE A 173 -9.33 0.40 3.39
N CYS A 174 -8.22 0.89 3.92
CA CYS A 174 -7.71 2.20 3.53
C CYS A 174 -7.24 2.34 2.09
N LEU A 175 -6.61 1.31 1.55
CA LEU A 175 -6.13 1.35 0.17
C LEU A 175 -7.27 1.46 -0.82
N GLN A 176 -8.33 0.67 -0.61
CA GLN A 176 -9.49 0.70 -1.50
C GLN A 176 -9.88 2.14 -1.71
N VAL A 177 -10.11 2.85 -0.61
CA VAL A 177 -10.55 4.25 -0.65
C VAL A 177 -9.60 5.25 -1.29
N LEU A 178 -8.32 5.15 -0.99
CA LEU A 178 -7.34 6.08 -1.53
C LEU A 178 -6.94 5.76 -2.96
N LEU A 179 -6.74 4.48 -3.22
CA LEU A 179 -6.30 3.98 -4.53
C LEU A 179 -7.36 3.90 -5.62
N THR A 180 -8.62 3.91 -5.23
CA THR A 180 -9.70 3.81 -6.21
C THR A 180 -10.83 4.81 -6.00
N ASP A 181 -10.60 5.99 -5.54
CA ASP A 181 -11.68 6.94 -5.37
C ASP A 181 -13.05 6.64 -4.99
N THR A 182 -13.12 5.54 -4.46
CA THR A 182 -14.39 5.03 -3.91
C THR A 182 -14.41 5.60 -2.48
N PRO A 183 -15.60 5.97 -1.98
CA PRO A 183 -15.77 6.52 -0.63
C PRO A 183 -15.76 5.51 0.52
N TYR A 184 -15.34 5.98 1.69
CA TYR A 184 -15.27 5.17 2.89
C TYR A 184 -16.67 4.85 3.45
N ASP A 185 -16.90 3.57 3.73
CA ASP A 185 -18.17 3.10 4.29
C ASP A 185 -17.92 2.57 5.70
N GLU A 186 -17.97 3.47 6.69
CA GLU A 186 -17.75 3.09 8.08
C GLU A 186 -18.62 1.90 8.48
N GLU A 187 -19.82 1.89 7.93
CA GLU A 187 -20.76 0.83 8.20
C GLU A 187 -20.23 -0.51 7.69
N TYR A 188 -19.58 -0.50 6.53
CA TYR A 188 -19.00 -1.73 6.00
C TYR A 188 -17.75 -2.09 6.81
N ALA A 189 -17.03 -1.05 7.22
CA ALA A 189 -15.81 -1.24 7.99
C ALA A 189 -16.07 -1.74 9.41
N ARG A 190 -17.25 -1.51 9.97
CA ARG A 190 -17.49 -2.01 11.32
C ARG A 190 -17.82 -3.50 11.32
N GLU A 191 -18.37 -3.99 10.20
CA GLU A 191 -18.77 -5.39 10.04
C GLU A 191 -17.56 -6.29 9.87
N VAL A 192 -16.66 -5.84 9.00
CA VAL A 192 -15.43 -6.54 8.71
C VAL A 192 -14.60 -6.66 10.00
N LEU A 193 -14.29 -5.51 10.61
CA LEU A 193 -13.53 -5.46 11.86
C LEU A 193 -14.18 -6.34 12.93
N THR A 194 -15.52 -6.35 12.96
CA THR A 194 -16.25 -7.18 13.92
C THR A 194 -15.99 -8.65 13.63
N ARG A 195 -16.22 -9.06 12.39
CA ARG A 195 -16.03 -10.46 11.96
C ARG A 195 -14.71 -11.09 12.43
N LEU A 196 -13.74 -10.25 12.78
CA LEU A 196 -12.42 -10.70 13.22
C LEU A 196 -12.26 -10.81 14.73
N ILE A 197 -13.03 -10.02 15.46
CA ILE A 197 -12.98 -9.97 16.91
C ILE A 197 -13.17 -11.37 17.58
N GLU B 28 2.61 -6.42 -30.98
CA GLU B 28 3.77 -6.53 -31.91
C GLU B 28 4.99 -5.88 -31.27
N ARG B 29 5.02 -4.55 -31.29
CA ARG B 29 6.11 -3.79 -30.70
C ARG B 29 5.57 -3.35 -29.34
N ARG B 30 4.28 -3.05 -29.27
CA ARG B 30 3.67 -2.67 -28.01
C ARG B 30 4.11 -3.75 -27.02
N GLN B 31 4.16 -4.98 -27.50
CA GLN B 31 4.56 -6.09 -26.65
C GLN B 31 6.05 -6.00 -26.32
N ARG B 32 6.88 -6.07 -27.34
CA ARG B 32 8.32 -6.00 -27.16
C ARG B 32 8.70 -4.83 -26.26
N ILE B 33 7.90 -3.76 -26.27
CA ILE B 33 8.18 -2.60 -25.44
C ILE B 33 7.49 -2.65 -24.06
N ILE B 34 6.40 -3.42 -23.95
CA ILE B 34 5.69 -3.57 -22.68
C ILE B 34 6.49 -4.44 -21.70
N ASP B 35 7.02 -5.56 -22.19
CA ASP B 35 7.83 -6.43 -21.34
C ASP B 35 9.08 -5.67 -20.91
N ALA B 36 9.44 -4.63 -21.67
CA ALA B 36 10.61 -3.80 -21.36
C ALA B 36 10.29 -2.87 -20.21
N ALA B 37 9.01 -2.58 -20.04
CA ALA B 37 8.55 -1.72 -18.95
C ALA B 37 8.53 -2.51 -17.61
N ILE B 38 8.10 -3.77 -17.67
CA ILE B 38 8.05 -4.64 -16.50
C ILE B 38 9.47 -5.06 -16.10
N ARG B 39 10.33 -5.09 -17.10
CA ARG B 39 11.71 -5.44 -16.88
C ARG B 39 12.40 -4.19 -16.27
N VAL B 40 12.00 -2.99 -16.71
CA VAL B 40 12.60 -1.75 -16.19
C VAL B 40 12.08 -1.35 -14.81
N VAL B 41 10.83 -1.67 -14.53
CA VAL B 41 10.30 -1.34 -13.21
C VAL B 41 10.92 -2.40 -12.26
N GLY B 42 10.75 -3.68 -12.59
CA GLY B 42 11.30 -4.74 -11.77
C GLY B 42 12.73 -4.43 -11.38
N GLN B 43 13.47 -3.82 -12.30
CA GLN B 43 14.87 -3.44 -12.11
C GLN B 43 15.13 -2.04 -11.55
N LYS B 44 14.59 -1.02 -12.21
CA LYS B 44 14.79 0.37 -11.79
C LYS B 44 13.66 0.96 -10.96
N GLY B 45 12.55 0.23 -10.85
CA GLY B 45 11.42 0.74 -10.09
C GLY B 45 10.87 1.89 -10.88
N ILE B 46 9.59 2.21 -10.74
CA ILE B 46 8.98 3.32 -11.50
C ILE B 46 9.90 4.51 -11.79
N ALA B 47 10.58 5.01 -10.77
CA ALA B 47 11.46 6.16 -10.93
C ALA B 47 12.45 6.00 -12.09
N GLY B 48 12.78 4.77 -12.43
CA GLY B 48 13.73 4.56 -13.52
C GLY B 48 13.03 4.25 -14.82
N LEU B 49 11.79 4.68 -14.95
CA LEU B 49 11.03 4.41 -16.16
C LEU B 49 10.71 5.69 -16.94
N SER B 50 11.28 5.79 -18.13
CA SER B 50 11.05 6.94 -19.03
C SER B 50 11.03 6.33 -20.44
N HIS B 51 10.46 7.06 -21.40
CA HIS B 51 10.40 6.55 -22.77
C HIS B 51 11.80 6.15 -23.19
N ARG B 52 12.78 7.00 -22.89
CA ARG B 52 14.18 6.72 -23.21
C ARG B 52 14.58 5.43 -22.48
N THR B 53 14.23 5.37 -21.21
CA THR B 53 14.55 4.23 -20.38
C THR B 53 14.09 2.88 -20.97
N VAL B 54 12.83 2.79 -21.41
CA VAL B 54 12.26 1.57 -22.01
C VAL B 54 12.71 1.35 -23.47
N ALA B 55 12.78 2.44 -24.24
CA ALA B 55 13.21 2.35 -25.63
C ALA B 55 14.57 1.65 -25.67
N ALA B 56 15.34 1.76 -24.58
CA ALA B 56 16.67 1.16 -24.46
C ALA B 56 16.59 -0.33 -24.20
N GLU B 57 15.70 -0.72 -23.28
CA GLU B 57 15.46 -2.11 -22.95
C GLU B 57 14.92 -2.83 -24.20
N ALA B 58 13.72 -2.40 -24.61
CA ALA B 58 13.04 -2.96 -25.77
C ALA B 58 14.00 -3.04 -26.93
N ASP B 59 14.99 -2.16 -26.91
CA ASP B 59 16.00 -2.05 -27.95
C ASP B 59 15.35 -1.54 -29.24
N VAL B 60 14.60 -0.45 -29.12
CA VAL B 60 13.93 0.15 -30.28
C VAL B 60 14.11 1.67 -30.24
N PRO B 61 13.70 2.39 -31.31
CA PRO B 61 13.85 3.86 -31.35
C PRO B 61 12.96 4.63 -30.38
N LEU B 62 13.48 5.76 -29.90
CA LEU B 62 12.74 6.62 -28.99
C LEU B 62 11.37 7.02 -29.56
N GLY B 63 11.31 7.15 -30.88
CA GLY B 63 10.08 7.54 -31.56
C GLY B 63 8.99 6.49 -31.65
N SER B 64 9.36 5.23 -31.44
CA SER B 64 8.38 4.13 -31.52
C SER B 64 7.79 3.91 -30.13
N THR B 65 8.60 4.16 -29.12
CA THR B 65 8.17 4.03 -27.75
C THR B 65 7.16 5.14 -27.49
N THR B 66 7.51 6.34 -27.96
CA THR B 66 6.66 7.52 -27.80
C THR B 66 5.40 7.40 -28.64
N TYR B 67 5.51 6.72 -29.78
CA TYR B 67 4.36 6.53 -30.65
C TYR B 67 3.26 5.78 -29.89
N HIS B 68 3.44 4.47 -29.69
CA HIS B 68 2.46 3.62 -29.01
C HIS B 68 1.96 4.08 -27.65
N PHE B 69 2.80 4.80 -26.91
CA PHE B 69 2.40 5.30 -25.58
C PHE B 69 2.74 6.77 -25.41
N ALA B 70 1.77 7.63 -25.71
CA ALA B 70 1.95 9.08 -25.61
C ALA B 70 2.51 9.49 -24.26
N THR B 71 1.87 9.04 -23.19
CA THR B 71 2.31 9.38 -21.84
C THR B 71 2.83 8.13 -21.14
N LEU B 72 3.53 8.31 -20.04
CA LEU B 72 4.05 7.18 -19.28
C LEU B 72 2.90 6.49 -18.56
N ASP B 73 1.91 7.26 -18.14
CA ASP B 73 0.77 6.68 -17.45
C ASP B 73 0.13 5.58 -18.28
N ASP B 74 0.18 5.72 -19.60
CA ASP B 74 -0.40 4.71 -20.51
C ASP B 74 0.49 3.47 -20.56
N LEU B 75 1.78 3.71 -20.67
CA LEU B 75 2.76 2.64 -20.71
C LEU B 75 2.86 1.99 -19.33
N MET B 76 2.15 2.56 -18.35
CA MET B 76 2.14 2.05 -16.98
C MET B 76 0.91 1.16 -16.76
N VAL B 77 -0.20 1.57 -17.34
CA VAL B 77 -1.44 0.81 -17.25
C VAL B 77 -1.23 -0.43 -18.10
N ALA B 78 -0.50 -0.27 -19.19
CA ALA B 78 -0.21 -1.40 -20.06
C ALA B 78 0.55 -2.42 -19.23
N ALA B 79 1.61 -1.97 -18.60
CA ALA B 79 2.43 -2.83 -17.76
C ALA B 79 1.58 -3.61 -16.75
N LEU B 80 0.82 -2.87 -15.94
CA LEU B 80 -0.02 -3.47 -14.89
C LEU B 80 -1.21 -4.26 -15.40
N ARG B 81 -1.76 -3.86 -16.55
CA ARG B 81 -2.91 -4.56 -17.09
C ARG B 81 -2.46 -5.96 -17.52
N GLN B 82 -1.18 -6.08 -17.86
CA GLN B 82 -0.58 -7.34 -18.28
C GLN B 82 -0.24 -8.17 -17.06
N ALA B 83 0.19 -7.48 -16.02
CA ALA B 83 0.54 -8.14 -14.79
C ALA B 83 -0.74 -8.77 -14.25
N ASN B 84 -1.80 -7.97 -14.21
CA ASN B 84 -3.11 -8.42 -13.74
C ASN B 84 -3.41 -9.82 -14.26
N GLU B 85 -3.04 -10.08 -15.52
CA GLU B 85 -3.24 -11.38 -16.14
C GLU B 85 -2.64 -12.50 -15.29
N GLY B 86 -1.34 -12.38 -15.01
CA GLY B 86 -0.65 -13.37 -14.22
C GLY B 86 -1.46 -13.91 -13.06
N PHE B 87 -2.24 -13.05 -12.41
CA PHE B 87 -3.06 -13.47 -11.28
C PHE B 87 -4.11 -14.47 -11.70
N ALA B 88 -4.58 -14.33 -12.94
CA ALA B 88 -5.57 -15.23 -13.50
C ALA B 88 -4.90 -16.60 -13.66
N ARG B 89 -3.87 -16.63 -14.49
CA ARG B 89 -3.10 -17.84 -14.77
C ARG B 89 -2.91 -18.65 -13.50
N VAL B 90 -2.73 -17.94 -12.39
CA VAL B 90 -2.53 -18.55 -11.09
C VAL B 90 -3.75 -19.26 -10.57
N VAL B 91 -4.88 -18.56 -10.57
CA VAL B 91 -6.13 -19.16 -10.10
C VAL B 91 -6.46 -20.24 -11.09
N ALA B 92 -6.12 -19.97 -12.34
CA ALA B 92 -6.33 -20.91 -13.43
C ALA B 92 -5.67 -22.25 -13.08
N ALA B 93 -4.47 -22.21 -12.52
CA ALA B 93 -3.74 -23.42 -12.16
C ALA B 93 -4.25 -24.17 -10.91
N HIS B 94 -4.86 -23.46 -9.96
CA HIS B 94 -5.35 -24.12 -8.74
C HIS B 94 -6.87 -24.31 -8.73
N PRO B 95 -7.34 -25.55 -8.93
CA PRO B 95 -8.78 -25.82 -8.96
C PRO B 95 -9.50 -25.61 -7.62
N ALA B 96 -8.93 -26.14 -6.54
CA ALA B 96 -9.53 -26.03 -5.19
C ALA B 96 -10.18 -24.67 -4.93
N LEU B 97 -9.69 -23.64 -5.63
CA LEU B 97 -10.20 -22.28 -5.49
C LEU B 97 -11.66 -22.17 -5.96
N SER B 98 -11.97 -22.84 -7.06
CA SER B 98 -13.34 -22.80 -7.57
C SER B 98 -14.07 -24.08 -7.18
N ASP B 99 -13.58 -24.76 -6.15
CA ASP B 99 -14.17 -26.02 -5.72
C ASP B 99 -15.09 -25.89 -4.50
N PRO B 100 -16.37 -26.30 -4.63
CA PRO B 100 -17.41 -26.26 -3.59
C PRO B 100 -16.94 -26.47 -2.15
N GLU B 101 -15.95 -27.35 -1.95
CA GLU B 101 -15.42 -27.61 -0.62
C GLU B 101 -13.99 -27.06 -0.59
N ALA B 102 -13.02 -27.91 -0.57
CA ALA B 102 -11.63 -27.58 -0.48
C ALA B 102 -11.94 -26.60 0.48
N ASP B 103 -11.32 -25.55 0.37
CA ASP B 103 -11.41 -24.56 1.38
C ASP B 103 -11.43 -23.41 0.58
N LEU B 104 -11.01 -22.30 1.01
CA LEU B 104 -10.92 -21.12 0.16
C LEU B 104 -9.72 -20.60 0.95
N SER B 105 -9.95 -20.46 2.25
CA SER B 105 -8.94 -19.95 3.17
C SER B 105 -7.60 -20.68 3.12
N GLY B 106 -7.63 -22.00 3.25
CA GLY B 106 -6.39 -22.75 3.20
C GLY B 106 -5.74 -22.56 1.85
N GLU B 107 -6.57 -22.67 0.80
CA GLU B 107 -6.09 -22.53 -0.55
C GLU B 107 -5.43 -21.19 -0.77
N LEU B 108 -6.08 -20.13 -0.27
CA LEU B 108 -5.56 -18.78 -0.39
C LEU B 108 -4.24 -18.58 0.36
N ALA B 109 -4.23 -18.91 1.64
CA ALA B 109 -3.04 -18.78 2.46
C ALA B 109 -1.87 -19.50 1.79
N ARG B 110 -2.18 -20.70 1.32
CA ARG B 110 -1.24 -21.59 0.64
C ARG B 110 -0.58 -20.91 -0.57
N VAL B 111 -1.37 -20.66 -1.60
CA VAL B 111 -0.91 -20.05 -2.83
C VAL B 111 -0.30 -18.68 -2.59
N LEU B 112 -0.78 -18.01 -1.56
CA LEU B 112 -0.26 -16.68 -1.22
C LEU B 112 1.21 -16.79 -0.78
N GLY B 113 1.53 -17.76 0.06
CA GLY B 113 2.91 -17.93 0.49
C GLY B 113 3.82 -18.23 -0.69
N GLU B 114 3.21 -18.63 -1.80
CA GLU B 114 3.96 -18.97 -3.02
C GLU B 114 4.41 -17.71 -3.74
N TRP B 115 3.45 -16.85 -4.07
CA TRP B 115 3.77 -15.63 -4.78
C TRP B 115 4.79 -14.77 -4.04
N LEU B 116 4.72 -14.80 -2.71
CA LEU B 116 5.64 -14.03 -1.88
C LEU B 116 6.93 -14.82 -1.60
N GLY B 117 6.99 -16.06 -2.11
CA GLY B 117 8.14 -16.92 -1.90
C GLY B 117 9.46 -16.46 -2.49
N GLY B 118 10.49 -16.46 -1.64
CA GLY B 118 11.84 -16.09 -2.03
C GLY B 118 12.03 -14.73 -2.70
N ASP B 119 12.55 -14.77 -3.93
CA ASP B 119 12.80 -13.57 -4.72
C ASP B 119 11.46 -12.94 -5.11
N ARG B 120 11.27 -11.72 -4.62
CA ARG B 120 10.05 -10.97 -4.84
C ARG B 120 10.10 -9.82 -5.85
N THR B 121 11.01 -9.90 -6.83
CA THR B 121 11.15 -8.86 -7.85
C THR B 121 9.85 -8.72 -8.65
N GLY B 122 9.06 -9.78 -8.68
CA GLY B 122 7.80 -9.74 -9.39
C GLY B 122 6.73 -8.98 -8.63
N VAL B 123 6.43 -9.43 -7.41
CA VAL B 123 5.42 -8.81 -6.56
C VAL B 123 5.73 -7.35 -6.27
N GLU B 124 7.00 -7.03 -6.14
CA GLU B 124 7.38 -5.66 -5.84
C GLU B 124 7.09 -4.70 -6.97
N LEU B 125 7.25 -5.14 -8.21
CA LEU B 125 6.98 -4.26 -9.32
C LEU B 125 5.47 -4.14 -9.43
N GLU B 126 4.79 -5.27 -9.28
CA GLU B 126 3.34 -5.29 -9.34
C GLU B 126 2.75 -4.34 -8.29
N TYR B 127 3.13 -4.53 -7.02
CA TYR B 127 2.63 -3.67 -5.96
C TYR B 127 3.04 -2.23 -6.20
N GLU B 128 4.26 -2.02 -6.66
CA GLU B 128 4.74 -0.68 -6.90
C GLU B 128 3.73 0.02 -7.79
N LEU B 129 3.49 -0.57 -8.96
CA LEU B 129 2.55 0.02 -9.92
C LEU B 129 1.18 0.22 -9.29
N TYR B 130 0.57 -0.87 -8.85
CA TYR B 130 -0.75 -0.81 -8.23
C TYR B 130 -0.91 0.32 -7.21
N LEU B 131 0.09 0.50 -6.34
CA LEU B 131 0.03 1.54 -5.31
C LEU B 131 0.26 2.92 -5.92
N ALA B 132 0.95 2.96 -7.06
CA ALA B 132 1.19 4.23 -7.76
C ALA B 132 -0.13 4.92 -8.08
N ALA B 133 -1.25 4.23 -7.83
CA ALA B 133 -2.58 4.79 -8.10
C ALA B 133 -2.95 5.79 -7.01
N LEU B 134 -2.05 5.95 -6.05
CA LEU B 134 -2.27 6.87 -4.94
C LEU B 134 -2.29 8.29 -5.48
N ARG B 135 -1.28 8.61 -6.28
CA ARG B 135 -1.17 9.94 -6.83
C ARG B 135 -1.23 9.99 -8.34
N ARG B 136 -1.49 8.83 -8.96
CA ARG B 136 -1.59 8.76 -10.42
C ARG B 136 -3.01 8.33 -10.87
N PRO B 137 -3.90 9.32 -11.04
CA PRO B 137 -5.30 9.20 -11.46
C PRO B 137 -5.55 8.29 -12.66
N ALA B 138 -4.72 8.43 -13.68
CA ALA B 138 -4.85 7.60 -14.87
C ALA B 138 -4.82 6.13 -14.46
N LEU B 139 -4.01 5.84 -13.44
CA LEU B 139 -3.84 4.49 -12.93
C LEU B 139 -4.91 4.00 -11.96
N ARG B 140 -5.97 4.79 -11.78
CA ARG B 140 -7.06 4.38 -10.88
C ARG B 140 -7.87 3.19 -11.41
N PRO B 141 -8.42 3.29 -12.63
CA PRO B 141 -9.22 2.21 -13.21
C PRO B 141 -8.54 0.83 -13.16
N VAL B 142 -7.27 0.77 -13.57
CA VAL B 142 -6.51 -0.48 -13.58
C VAL B 142 -6.30 -0.99 -12.15
N ALA B 143 -6.02 -0.08 -11.23
CA ALA B 143 -5.80 -0.41 -9.83
C ALA B 143 -7.02 -1.15 -9.30
N ALA B 144 -8.20 -0.60 -9.55
CA ALA B 144 -9.46 -1.19 -9.10
C ALA B 144 -9.69 -2.54 -9.77
N GLU B 145 -8.77 -2.94 -10.63
CA GLU B 145 -8.84 -4.24 -11.31
C GLU B 145 -7.71 -5.10 -10.77
N TRP B 146 -7.36 -4.90 -9.50
CA TRP B 146 -6.27 -5.61 -8.84
C TRP B 146 -6.54 -7.10 -8.66
N ALA B 147 -7.24 -7.44 -7.58
CA ALA B 147 -7.55 -8.81 -7.29
C ALA B 147 -8.30 -9.45 -8.46
N GLU B 148 -8.67 -8.63 -9.46
CA GLU B 148 -9.37 -9.13 -10.64
C GLU B 148 -8.57 -10.36 -11.10
N GLY B 149 -9.12 -11.52 -10.79
CA GLY B 149 -8.48 -12.78 -11.08
C GLY B 149 -8.90 -13.66 -9.92
N VAL B 150 -9.56 -13.03 -8.95
CA VAL B 150 -10.10 -13.69 -7.74
C VAL B 150 -11.28 -12.88 -7.14
N GLY B 151 -11.16 -11.55 -7.13
CA GLY B 151 -12.23 -10.72 -6.60
C GLY B 151 -13.56 -11.15 -7.20
N ALA B 152 -13.49 -11.59 -8.44
CA ALA B 152 -14.68 -12.04 -9.14
C ALA B 152 -15.11 -13.35 -8.49
N LEU B 153 -14.18 -14.31 -8.46
CA LEU B 153 -14.41 -15.63 -7.92
C LEU B 153 -14.93 -15.63 -6.48
N LEU B 154 -14.24 -14.91 -5.59
CA LEU B 154 -14.59 -14.84 -4.17
C LEU B 154 -16.04 -14.40 -3.92
N ALA B 155 -16.46 -13.34 -4.59
CA ALA B 155 -17.82 -12.85 -4.43
C ALA B 155 -18.82 -13.85 -5.02
N ALA B 156 -18.31 -14.76 -5.86
CA ALA B 156 -19.13 -15.79 -6.50
C ALA B 156 -19.16 -17.01 -5.57
N ARG B 157 -18.09 -17.17 -4.78
CA ARG B 157 -18.00 -18.27 -3.82
C ARG B 157 -18.73 -17.85 -2.55
N THR B 158 -18.53 -16.59 -2.17
CA THR B 158 -19.13 -16.01 -0.97
C THR B 158 -20.05 -14.85 -1.43
N ASP B 159 -20.04 -13.74 -0.71
CA ASP B 159 -20.88 -12.58 -1.05
C ASP B 159 -20.01 -11.40 -1.51
N PRO B 160 -20.64 -10.29 -1.95
CA PRO B 160 -19.93 -9.08 -2.41
C PRO B 160 -19.53 -8.16 -1.24
N THR B 161 -19.57 -8.67 -0.01
CA THR B 161 -19.16 -7.89 1.13
C THR B 161 -17.99 -8.61 1.73
N THR B 162 -17.98 -9.93 1.51
CA THR B 162 -16.88 -10.79 1.98
C THR B 162 -15.76 -10.79 0.93
N ALA B 163 -16.12 -10.51 -0.32
CA ALA B 163 -15.14 -10.44 -1.40
C ALA B 163 -14.26 -9.24 -1.06
N ARG B 164 -14.83 -8.04 -1.02
CA ARG B 164 -14.06 -6.85 -0.68
C ARG B 164 -13.24 -7.10 0.59
N ALA B 165 -13.88 -7.74 1.57
CA ALA B 165 -13.26 -8.06 2.85
C ALA B 165 -11.96 -8.84 2.68
N LEU B 166 -12.08 -10.04 2.10
CA LEU B 166 -10.94 -10.92 1.88
C LEU B 166 -9.78 -10.25 1.14
N VAL B 167 -10.09 -9.47 0.11
CA VAL B 167 -9.05 -8.79 -0.65
C VAL B 167 -8.44 -7.69 0.22
N ALA B 168 -9.23 -7.16 1.14
CA ALA B 168 -8.77 -6.11 2.06
C ALA B 168 -7.82 -6.68 3.11
N VAL B 169 -8.03 -7.94 3.49
CA VAL B 169 -7.15 -8.59 4.46
C VAL B 169 -5.86 -8.96 3.71
N LEU B 170 -6.01 -9.49 2.50
CA LEU B 170 -4.84 -9.88 1.70
C LEU B 170 -3.89 -8.69 1.55
N ASP B 171 -4.44 -7.55 1.14
CA ASP B 171 -3.65 -6.34 0.94
C ASP B 171 -2.91 -5.94 2.22
N GLY B 172 -3.65 -5.84 3.31
CA GLY B 172 -3.04 -5.46 4.57
C GLY B 172 -2.02 -6.50 4.96
N ILE B 173 -2.32 -7.77 4.72
CA ILE B 173 -1.39 -8.85 5.06
C ILE B 173 -0.11 -8.84 4.21
N CYS B 174 -0.25 -8.45 2.95
CA CYS B 174 0.88 -8.40 2.01
C CYS B 174 1.71 -7.14 2.18
N LEU B 175 1.05 -6.09 2.65
CA LEU B 175 1.71 -4.82 2.88
C LEU B 175 2.61 -4.93 4.13
N GLN B 176 2.15 -5.74 5.08
CA GLN B 176 2.87 -5.94 6.31
C GLN B 176 4.19 -6.67 6.09
N VAL B 177 4.21 -7.61 5.17
CA VAL B 177 5.43 -8.37 4.88
C VAL B 177 6.43 -7.56 4.04
N LEU B 178 5.94 -7.03 2.92
CA LEU B 178 6.73 -6.26 1.97
C LEU B 178 7.28 -4.92 2.43
N LEU B 179 6.55 -4.22 3.29
CA LEU B 179 6.94 -2.91 3.79
C LEU B 179 7.66 -2.90 5.13
N THR B 180 7.55 -3.99 5.87
CA THR B 180 8.16 -4.04 7.19
C THR B 180 9.04 -5.22 7.52
N ASP B 181 9.48 -5.97 6.52
CA ASP B 181 10.34 -7.13 6.78
C ASP B 181 9.76 -8.27 7.62
N THR B 182 8.50 -8.16 8.03
CA THR B 182 7.87 -9.20 8.83
C THR B 182 7.71 -10.40 7.88
N PRO B 183 8.18 -11.59 8.29
CA PRO B 183 8.06 -12.78 7.43
C PRO B 183 6.60 -13.22 7.24
N TYR B 184 6.36 -14.00 6.18
CA TYR B 184 5.01 -14.46 5.90
C TYR B 184 4.57 -15.57 6.84
N ASP B 185 3.46 -15.34 7.54
CA ASP B 185 2.91 -16.31 8.49
C ASP B 185 1.69 -16.94 7.85
N GLU B 186 1.88 -18.03 7.13
CA GLU B 186 0.77 -18.71 6.44
C GLU B 186 -0.43 -19.16 7.28
N GLU B 187 -0.18 -19.64 8.50
CA GLU B 187 -1.23 -20.12 9.41
C GLU B 187 -2.04 -18.95 9.99
N TYR B 188 -1.36 -17.83 10.14
CA TYR B 188 -1.96 -16.59 10.63
C TYR B 188 -2.97 -16.14 9.60
N ALA B 189 -2.49 -16.07 8.35
CA ALA B 189 -3.29 -15.66 7.21
C ALA B 189 -4.42 -16.64 6.95
N ARG B 190 -4.11 -17.94 7.02
CA ARG B 190 -5.13 -18.96 6.78
C ARG B 190 -6.16 -18.90 7.90
N GLU B 191 -5.72 -18.42 9.05
CA GLU B 191 -6.53 -18.28 10.25
C GLU B 191 -7.46 -17.06 10.19
N VAL B 192 -6.92 -15.93 9.75
CA VAL B 192 -7.70 -14.71 9.69
C VAL B 192 -8.68 -14.66 8.52
N LEU B 193 -8.31 -15.30 7.43
CA LEU B 193 -9.17 -15.35 6.24
C LEU B 193 -10.54 -15.99 6.58
N THR B 194 -10.51 -17.07 7.37
CA THR B 194 -11.74 -17.78 7.78
C THR B 194 -12.73 -16.86 8.51
N ARG B 195 -12.26 -16.20 9.55
CA ARG B 195 -13.10 -15.32 10.34
C ARG B 195 -14.05 -14.49 9.47
N LEU B 196 -13.53 -13.95 8.37
CA LEU B 196 -14.36 -13.12 7.47
C LEU B 196 -15.39 -13.93 6.68
N ILE B 197 -14.96 -15.06 6.12
CA ILE B 197 -15.85 -15.89 5.32
C ILE B 197 -16.85 -16.62 6.19
N PRO B 198 -18.13 -16.24 6.06
CA PRO B 198 -19.20 -16.87 6.85
C PRO B 198 -19.53 -18.30 6.47
N VAL B 199 -20.48 -18.86 7.22
CA VAL B 199 -20.97 -20.21 7.01
C VAL B 199 -22.50 -20.11 7.01
#